data_6DEN
#
_entry.id   6DEN
#
_cell.length_a   175.333
_cell.length_b   175.333
_cell.length_c   176.895
_cell.angle_alpha   90.00
_cell.angle_beta   90.00
_cell.angle_gamma   120.00
#
_symmetry.space_group_name_H-M   'P 62 2 2'
#
loop_
_entity.id
_entity.type
_entity.pdbx_description
1 polymer 'Acetolactate synthase'
2 non-polymer 'POTASSIUM ION'
3 non-polymer 'MAGNESIUM ION'
4 non-polymer 'ethyl 2-{[(4-iodo-6-methoxypyrimidin-2-yl)carbamoyl]sulfamoyl}benzoate'
5 non-polymer 'FLAVIN-ADENINE DINUCLEOTIDE'
6 non-polymer '(3Z)-4-{[(4-AMINO-2-METHYLPYRIMIDIN-5-YL)METHYL]AMINO}-3-MERCAPTOPENT-3-EN-1-YL TRIHYDROGEN DIPHOSPHATE'
7 non-polymer 'CARBON DIOXIDE'
8 water water
#
_entity_poly.entity_id   1
_entity_poly.type   'polypeptide(L)'
_entity_poly.pdbx_seq_one_letter_code
;MHHHHHHSSGLVPRGSGMKETAAAKFERQHMDSPDLGTDDDDKAMAFNTADTSTQPIINDPTLNKHQSSAISRKKKEQLM
DDSFIGLTGGEIFHEMMLRHKVDTVFGYAGGAILPVFDAIYNSDKFKFVLPRHEQGAGHMAEGYARASGKPGVVLVTSGP
GATNVITPMADALMDGVPLVVFSGQVPTTAIGTDAFQEADIVGISRSCTKWNVMVKNVAELPRRINEAFEIATTGRPGPV
LVDLPKDVTASILRESIPINTTLPSNALSQITKKAVSEFTSEAIKRAANILNKAKKPIIYAGAGILNNEQGPKLLKELAD
KANIPVTTTLQGLGAFDQRDPKSLDMLGMHGSAAANTAIQNADCIIALGARFDDRVTGNISKFAPEAKLAASEGRGGILH
FEISPKNINKVVEATEAIEGDVTANLQSFIPLVDSIENRPEWFNKINEWKKKYPYSYQLETPGSLIKPQTLIKEISDQAQ
TYNKEVIVTTGVGQHQMWAAQHFTWTQPRTMITSGGLGTMGYGLPAAIGAQVAKPDAIVIDIDGDASFNMTLTELSSAVQ
AGAPIKVCVLNNEEQGMVTQWQSLFYEHRYSHTHQSNPDFMKLAESMNVKGIRITNQQELKSGVKEFLDATEPVLLEVIV
EKKVPVLPMVPAGKALDDFILWDAEVEKQQNDLRKERTGGKY
;
_entity_poly.pdbx_strand_id   A
#
# COMPACT_ATOMS: atom_id res chain seq x y z
N LYS A 74 50.41 1.13 3.81
CA LYS A 74 50.05 2.41 3.21
C LYS A 74 48.74 2.30 2.43
N LYS A 75 48.63 1.25 1.63
CA LYS A 75 47.37 0.95 0.97
C LYS A 75 46.38 0.49 2.03
N LYS A 76 46.89 -0.22 3.03
CA LYS A 76 46.10 -0.66 4.19
C LYS A 76 45.46 0.53 4.90
N GLU A 77 46.24 1.58 5.12
CA GLU A 77 45.74 2.79 5.74
C GLU A 77 44.64 3.43 4.90
N GLN A 78 44.75 3.32 3.58
CA GLN A 78 43.74 3.90 2.71
C GLN A 78 42.42 3.12 2.77
N LEU A 79 42.50 1.84 3.12
CA LEU A 79 41.32 0.97 3.13
C LEU A 79 40.70 0.76 4.51
N MET A 80 41.38 1.20 5.56
CA MET A 80 40.83 1.12 6.91
C MET A 80 40.40 2.50 7.36
N ASP A 81 39.43 2.56 8.27
CA ASP A 81 38.96 3.86 8.74
C ASP A 81 38.99 3.92 10.25
N ASP A 82 39.57 5.00 10.77
CA ASP A 82 39.72 5.23 12.20
C ASP A 82 38.71 6.23 12.72
N SER A 83 37.92 6.83 11.84
CA SER A 83 37.14 8.01 12.21
C SER A 83 36.02 7.72 13.21
N PHE A 84 35.57 6.47 13.34
CA PHE A 84 34.53 6.15 14.32
C PHE A 84 35.12 5.70 15.66
N ILE A 85 36.45 5.56 15.75
CA ILE A 85 37.03 5.10 17.00
C ILE A 85 36.73 6.10 18.12
N GLY A 86 36.30 5.60 19.27
CA GLY A 86 35.94 6.47 20.37
C GLY A 86 34.45 6.79 20.45
N LEU A 87 33.70 6.47 19.39
CA LEU A 87 32.23 6.63 19.41
C LEU A 87 31.53 5.44 20.05
N THR A 88 30.39 5.65 20.72
CA THR A 88 29.58 4.51 21.14
C THR A 88 28.84 3.93 19.93
N GLY A 89 28.37 2.70 20.07
CA GLY A 89 27.50 2.11 19.06
C GLY A 89 26.33 3.05 18.76
N GLY A 90 25.77 3.66 19.81
CA GLY A 90 24.66 4.59 19.60
C GLY A 90 25.04 5.78 18.74
N GLU A 91 26.20 6.37 19.03
CA GLU A 91 26.70 7.48 18.21
C GLU A 91 27.00 7.06 16.77
N ILE A 92 27.44 5.81 16.60
CA ILE A 92 27.73 5.31 15.27
C ILE A 92 26.42 5.15 14.52
N PHE A 93 25.40 4.66 15.20
CA PHE A 93 24.07 4.56 14.60
C PHE A 93 23.62 5.93 14.08
N HIS A 94 23.80 6.94 14.91
CA HIS A 94 23.39 8.30 14.58
C HIS A 94 24.10 8.76 13.29
N GLU A 95 25.42 8.60 13.28
CA GLU A 95 26.17 8.96 12.08
C GLU A 95 25.74 8.18 10.84
N MET A 96 25.49 6.87 10.98
CA MET A 96 25.10 6.10 9.81
C MET A 96 23.70 6.52 9.29
N MET A 97 22.81 6.97 10.18
CA MET A 97 21.52 7.49 9.73
C MET A 97 21.74 8.68 8.79
N LEU A 98 22.62 9.58 9.20
CA LEU A 98 22.94 10.77 8.42
C LEU A 98 23.53 10.38 7.06
N ARG A 99 24.44 9.41 7.07
CA ARG A 99 25.04 8.97 5.80
C ARG A 99 24.03 8.29 4.90
N HIS A 100 22.99 7.71 5.47
CA HIS A 100 21.98 7.10 4.63
C HIS A 100 20.86 8.08 4.27
N LYS A 101 21.08 9.36 4.58
CA LYS A 101 20.15 10.43 4.24
C LYS A 101 18.77 10.21 4.85
N VAL A 102 18.75 9.66 6.06
CA VAL A 102 17.49 9.48 6.78
C VAL A 102 17.05 10.84 7.31
N ASP A 103 15.83 11.28 6.99
CA ASP A 103 15.42 12.60 7.49
C ASP A 103 14.31 12.46 8.55
N THR A 104 13.86 11.23 8.78
CA THR A 104 12.76 10.98 9.71
C THR A 104 12.94 9.59 10.36
N VAL A 105 12.79 9.52 11.68
CA VAL A 105 12.80 8.24 12.38
C VAL A 105 11.48 8.13 13.19
N PHE A 106 10.80 6.99 13.12
CA PHE A 106 9.58 6.75 13.90
C PHE A 106 9.93 5.78 15.04
N GLY A 107 9.66 6.10 16.29
CA GLY A 107 10.12 5.19 17.31
C GLY A 107 9.65 5.52 18.71
N TYR A 108 10.11 4.74 19.67
CA TYR A 108 9.54 4.76 21.02
C TYR A 108 10.62 4.17 21.93
N ALA A 109 10.91 4.82 23.05
CA ALA A 109 12.05 4.44 23.85
C ALA A 109 11.78 3.25 24.77
N GLY A 110 12.84 2.78 25.42
CA GLY A 110 12.76 1.71 26.39
C GLY A 110 14.15 1.41 26.88
N GLY A 111 14.27 0.58 27.93
CA GLY A 111 15.56 0.39 28.59
C GLY A 111 16.67 -0.15 27.68
N ALA A 112 16.34 -1.10 26.82
CA ALA A 112 17.37 -1.76 26.01
C ALA A 112 17.94 -0.83 24.94
N ILE A 113 17.15 0.16 24.51
CA ILE A 113 17.55 0.99 23.38
C ILE A 113 18.03 2.37 23.86
N LEU A 114 18.12 2.56 25.18
CA LEU A 114 18.55 3.86 25.73
C LEU A 114 19.90 4.39 25.21
N PRO A 115 20.91 3.51 24.99
CA PRO A 115 22.16 4.10 24.49
C PRO A 115 22.01 4.75 23.12
N VAL A 116 21.06 4.26 22.34
CA VAL A 116 20.83 4.87 21.02
C VAL A 116 20.02 6.14 21.21
N PHE A 117 18.99 6.09 22.06
CA PHE A 117 18.22 7.32 22.31
C PHE A 117 19.10 8.40 22.90
N ASP A 118 20.10 8.02 23.68
CA ASP A 118 20.96 9.07 24.22
C ASP A 118 21.79 9.72 23.12
N ALA A 119 22.25 8.91 22.18
CA ALA A 119 23.05 9.43 21.06
C ALA A 119 22.25 10.37 20.17
N ILE A 120 20.95 10.10 19.97
CA ILE A 120 20.16 10.92 19.06
C ILE A 120 19.44 12.06 19.80
N TYR A 121 19.73 12.21 21.09
CA TYR A 121 19.13 13.27 21.92
C TYR A 121 19.27 14.63 21.28
N ASN A 122 18.13 15.31 21.04
CA ASN A 122 18.09 16.63 20.43
C ASN A 122 18.83 16.74 19.10
N SER A 123 18.89 15.64 18.35
CA SER A 123 19.55 15.69 17.06
C SER A 123 18.84 16.64 16.13
N ASP A 124 19.59 17.45 15.37
CA ASP A 124 18.93 18.27 14.37
C ASP A 124 19.12 17.66 12.98
N LYS A 125 19.56 16.40 12.94
CA LYS A 125 19.84 15.72 11.68
C LYS A 125 18.61 15.07 11.07
N PHE A 126 17.60 14.76 11.89
CA PHE A 126 16.38 14.19 11.36
C PHE A 126 15.24 14.54 12.32
N LYS A 127 14.02 14.42 11.82
CA LYS A 127 12.83 14.58 12.62
C LYS A 127 12.54 13.25 13.31
N PHE A 128 12.22 13.27 14.60
CA PHE A 128 11.80 12.05 15.29
C PHE A 128 10.30 12.13 15.51
N VAL A 129 9.59 11.06 15.19
CA VAL A 129 8.15 11.04 15.34
C VAL A 129 7.79 10.00 16.37
N LEU A 130 7.13 10.44 17.44
CA LEU A 130 6.76 9.58 18.56
C LEU A 130 5.28 9.21 18.47
N PRO A 131 4.97 7.91 18.32
CA PRO A 131 3.59 7.43 18.27
C PRO A 131 3.11 7.18 19.71
N ARG A 132 1.94 6.57 19.87
CA ARG A 132 1.49 6.12 21.19
C ARG A 132 1.78 4.64 21.38
N HIS A 133 1.98 3.94 20.26
CA HIS A 133 2.16 2.46 20.27
C HIS A 133 3.14 2.14 19.14
N GLU A 134 4.00 1.13 19.31
CA GLU A 134 5.00 0.84 18.26
C GLU A 134 4.36 0.32 16.96
N GLN A 135 3.18 -0.27 17.03
CA GLN A 135 2.47 -0.61 15.78
C GLN A 135 2.24 0.67 14.99
N GLY A 136 1.87 1.74 15.70
CA GLY A 136 1.75 3.05 15.08
C GLY A 136 3.05 3.48 14.44
N ALA A 137 4.18 3.37 15.14
CA ALA A 137 5.47 3.73 14.52
C ALA A 137 5.67 2.94 13.21
N GLY A 138 5.35 1.65 13.26
CA GLY A 138 5.57 0.78 12.09
C GLY A 138 4.69 1.21 10.91
N HIS A 139 3.40 1.43 11.14
CA HIS A 139 2.55 1.82 10.00
C HIS A 139 2.83 3.26 9.53
N MET A 140 3.26 4.11 10.46
CA MET A 140 3.69 5.47 10.09
C MET A 140 4.87 5.37 9.15
N ALA A 141 5.86 4.55 9.51
CA ALA A 141 7.03 4.41 8.65
C ALA A 141 6.62 3.83 7.28
N GLU A 142 5.62 2.95 7.26
CA GLU A 142 5.15 2.43 5.99
C GLU A 142 4.53 3.53 5.14
N GLY A 143 3.70 4.36 5.76
CA GLY A 143 3.03 5.46 5.02
C GLY A 143 4.08 6.43 4.50
N TYR A 144 5.08 6.71 5.34
CA TYR A 144 6.20 7.57 4.97
C TYR A 144 6.93 7.00 3.76
N ALA A 145 7.25 5.71 3.80
CA ALA A 145 7.98 5.07 2.73
C ALA A 145 7.18 5.09 1.44
N ARG A 146 5.90 4.79 1.55
CA ARG A 146 5.08 4.75 0.34
C ARG A 146 4.87 6.11 -0.28
N ALA A 147 4.76 7.13 0.55
CA ALA A 147 4.61 8.50 0.03
C ALA A 147 5.91 9.03 -0.56
N SER A 148 7.05 8.67 0.02
CA SER A 148 8.32 9.30 -0.34
C SER A 148 9.19 8.49 -1.28
N GLY A 149 9.00 7.17 -1.31
CA GLY A 149 9.90 6.31 -2.03
C GLY A 149 11.23 6.07 -1.32
N LYS A 150 11.34 6.53 -0.07
CA LYS A 150 12.51 6.30 0.76
C LYS A 150 12.19 5.21 1.78
N PRO A 151 13.21 4.56 2.36
CA PRO A 151 12.87 3.59 3.40
C PRO A 151 12.28 4.24 4.67
N GLY A 152 11.35 3.56 5.33
CA GLY A 152 10.77 4.07 6.57
C GLY A 152 11.59 3.46 7.72
N VAL A 153 12.11 4.31 8.58
CA VAL A 153 13.01 3.85 9.63
C VAL A 153 12.28 3.84 10.97
N VAL A 154 12.34 2.70 11.64
CA VAL A 154 11.70 2.48 12.93
C VAL A 154 12.74 2.19 14.00
N LEU A 155 12.57 2.79 15.17
CA LEU A 155 13.55 2.58 16.26
C LEU A 155 12.79 2.25 17.52
N VAL A 156 12.89 1.01 18.02
CA VAL A 156 12.05 0.62 19.17
C VAL A 156 12.89 -0.14 20.17
N THR A 157 12.32 -0.42 21.33
CA THR A 157 13.09 -1.11 22.36
C THR A 157 12.93 -2.62 22.23
N SER A 158 13.54 -3.35 23.17
CA SER A 158 13.45 -4.81 23.17
C SER A 158 12.07 -5.34 23.56
N GLY A 159 11.92 -6.67 23.50
CA GLY A 159 10.76 -7.30 24.07
C GLY A 159 9.47 -6.83 23.41
N PRO A 160 8.55 -6.25 24.20
CA PRO A 160 7.27 -5.87 23.60
C PRO A 160 7.38 -4.69 22.64
N GLY A 161 8.42 -3.86 22.76
CA GLY A 161 8.59 -2.79 21.78
C GLY A 161 8.77 -3.41 20.40
N ALA A 162 9.54 -4.50 20.37
CA ALA A 162 9.88 -5.18 19.13
C ALA A 162 8.73 -6.05 18.62
N THR A 163 8.08 -6.80 19.51
CA THR A 163 7.02 -7.68 19.05
C THR A 163 5.84 -6.83 18.55
N ASN A 164 5.71 -5.61 19.06
CA ASN A 164 4.62 -4.74 18.62
C ASN A 164 4.81 -4.26 17.18
N VAL A 165 5.99 -4.46 16.61
CA VAL A 165 6.21 -4.04 15.20
C VAL A 165 6.00 -5.23 14.23
N ILE A 166 5.60 -6.38 14.74
CA ILE A 166 5.50 -7.55 13.85
C ILE A 166 4.38 -7.37 12.78
N THR A 167 3.21 -6.88 13.18
CA THR A 167 2.17 -6.68 12.16
C THR A 167 2.63 -5.70 11.07
N PRO A 168 3.20 -4.52 11.43
CA PRO A 168 3.73 -3.67 10.36
C PRO A 168 4.82 -4.33 9.49
N MET A 169 5.68 -5.17 10.07
CA MET A 169 6.67 -5.88 9.24
C MET A 169 5.98 -6.85 8.28
N ALA A 170 5.04 -7.64 8.78
CA ALA A 170 4.30 -8.56 7.91
C ALA A 170 3.58 -7.78 6.80
N ASP A 171 3.01 -6.65 7.21
CA ASP A 171 2.28 -5.78 6.26
C ASP A 171 3.22 -5.31 5.15
N ALA A 172 4.38 -4.80 5.57
CA ALA A 172 5.40 -4.27 4.66
C ALA A 172 5.92 -5.34 3.72
N LEU A 173 6.09 -6.55 4.26
CA LEU A 173 6.55 -7.66 3.40
C LEU A 173 5.53 -7.93 2.29
N MET A 174 4.26 -8.01 2.66
CA MET A 174 3.22 -8.40 1.69
C MET A 174 3.01 -7.31 0.62
N ASP A 175 3.26 -6.04 0.96
CA ASP A 175 3.04 -4.93 0.02
C ASP A 175 4.34 -4.36 -0.54
N GLY A 176 5.47 -4.98 -0.27
CA GLY A 176 6.73 -4.54 -0.86
C GLY A 176 7.19 -3.16 -0.39
N VAL A 177 7.13 -2.93 0.91
CA VAL A 177 7.46 -1.63 1.50
C VAL A 177 8.80 -1.65 2.21
N PRO A 178 9.72 -0.73 1.85
CA PRO A 178 11.06 -0.77 2.45
C PRO A 178 11.04 -0.19 3.84
N LEU A 179 11.12 -1.06 4.81
CA LEU A 179 10.98 -0.70 6.21
C LEU A 179 12.27 -1.15 6.85
N VAL A 180 12.93 -0.28 7.58
CA VAL A 180 14.15 -0.69 8.24
C VAL A 180 13.93 -0.57 9.75
N VAL A 181 13.81 -1.71 10.43
CA VAL A 181 13.39 -1.72 11.83
C VAL A 181 14.62 -2.00 12.69
N PHE A 182 14.93 -1.07 13.59
CA PHE A 182 15.99 -1.24 14.56
C PHE A 182 15.37 -1.49 15.92
N SER A 183 15.63 -2.66 16.50
CA SER A 183 15.05 -2.99 17.80
C SER A 183 16.17 -3.14 18.83
N GLY A 184 16.01 -2.46 19.96
CA GLY A 184 16.89 -2.72 21.08
C GLY A 184 16.78 -4.18 21.50
N GLN A 185 17.83 -4.68 22.15
CA GLN A 185 17.83 -6.06 22.63
C GLN A 185 18.57 -6.03 23.97
N VAL A 186 18.28 -7.02 24.81
CA VAL A 186 18.98 -7.17 26.10
C VAL A 186 20.47 -7.40 25.79
N PRO A 187 21.37 -7.14 26.76
CA PRO A 187 22.80 -7.27 26.43
C PRO A 187 23.14 -8.70 26.01
N THR A 188 24.21 -8.84 25.22
CA THR A 188 24.61 -10.16 24.76
C THR A 188 24.82 -11.14 25.93
N THR A 189 25.22 -10.61 27.08
CA THR A 189 25.40 -11.47 28.27
C THR A 189 24.10 -12.03 28.83
N ALA A 190 22.96 -11.50 28.39
CA ALA A 190 21.65 -11.95 28.88
C ALA A 190 20.83 -12.72 27.86
N ILE A 191 21.23 -12.65 26.58
CA ILE A 191 20.47 -13.30 25.54
C ILE A 191 20.40 -14.80 25.78
N GLY A 192 19.22 -15.36 25.59
CA GLY A 192 18.97 -16.78 25.75
C GLY A 192 18.74 -17.22 27.20
N THR A 193 18.50 -16.26 28.10
CA THR A 193 18.28 -16.58 29.53
C THR A 193 16.85 -16.31 29.98
N ASP A 194 15.94 -16.06 29.02
CA ASP A 194 14.59 -15.55 29.31
C ASP A 194 14.71 -14.29 30.14
N ALA A 195 15.55 -13.39 29.67
CA ALA A 195 15.89 -12.18 30.37
C ALA A 195 14.71 -11.22 30.43
N PHE A 196 14.83 -10.24 31.32
CA PHE A 196 13.85 -9.15 31.38
C PHE A 196 13.66 -8.46 30.03
N GLN A 197 12.42 -8.41 29.55
CA GLN A 197 12.09 -7.80 28.27
C GLN A 197 12.84 -8.39 27.08
N GLU A 198 13.14 -9.68 27.14
CA GLU A 198 13.81 -10.34 26.03
C GLU A 198 12.82 -11.08 25.16
N ALA A 199 12.74 -10.71 23.89
CA ALA A 199 12.05 -11.53 22.92
C ALA A 199 13.05 -12.06 21.90
N ASP A 200 12.77 -13.23 21.33
CA ASP A 200 13.60 -13.75 20.25
C ASP A 200 13.10 -13.09 18.95
N ILE A 201 13.37 -11.79 18.81
CA ILE A 201 12.75 -11.09 17.68
C ILE A 201 13.38 -11.53 16.35
N VAL A 202 14.64 -11.96 16.35
CA VAL A 202 15.18 -12.46 15.09
C VAL A 202 14.44 -13.74 14.65
N GLY A 203 14.11 -14.61 15.60
CA GLY A 203 13.32 -15.79 15.29
C GLY A 203 11.89 -15.45 14.88
N ILE A 204 11.25 -14.57 15.64
CA ILE A 204 9.87 -14.24 15.39
C ILE A 204 9.67 -13.51 14.08
N SER A 205 10.58 -12.58 13.77
CA SER A 205 10.45 -11.77 12.57
C SER A 205 11.04 -12.40 11.31
N ARG A 206 11.67 -13.58 11.43
CA ARG A 206 12.28 -14.23 10.25
C ARG A 206 11.30 -14.36 9.08
N SER A 207 10.08 -14.84 9.36
CA SER A 207 9.08 -15.00 8.30
C SER A 207 8.43 -13.73 7.83
N CYS A 208 8.60 -12.63 8.55
CA CYS A 208 8.01 -11.40 8.02
C CYS A 208 9.03 -10.31 7.73
N THR A 209 10.25 -10.73 7.40
CA THR A 209 11.24 -9.80 6.91
C THR A 209 11.95 -10.41 5.69
N LYS A 210 12.51 -9.57 4.84
CA LYS A 210 13.39 -10.06 3.77
C LYS A 210 14.65 -10.66 4.37
N TRP A 211 15.09 -10.08 5.48
CA TRP A 211 16.38 -10.38 6.09
C TRP A 211 16.38 -9.76 7.47
N ASN A 212 17.05 -10.40 8.42
CA ASN A 212 17.27 -9.75 9.69
C ASN A 212 18.60 -10.21 10.26
N VAL A 213 19.04 -9.56 11.32
CA VAL A 213 20.34 -9.87 11.89
C VAL A 213 20.38 -9.36 13.31
N MET A 214 21.21 -9.98 14.15
CA MET A 214 21.52 -9.40 15.45
C MET A 214 22.96 -8.95 15.43
N VAL A 215 23.19 -7.69 15.76
CA VAL A 215 24.54 -7.15 15.73
C VAL A 215 25.25 -7.64 16.98
N LYS A 216 26.45 -8.19 16.83
CA LYS A 216 27.12 -8.84 17.96
C LYS A 216 28.30 -8.04 18.51
N ASN A 217 28.76 -7.06 17.75
CA ASN A 217 29.81 -6.17 18.25
C ASN A 217 29.78 -4.88 17.48
N VAL A 218 30.31 -3.83 18.10
CA VAL A 218 30.14 -2.50 17.55
C VAL A 218 30.92 -2.34 16.25
N ALA A 219 32.00 -3.11 16.09
CA ALA A 219 32.80 -2.97 14.86
C ALA A 219 32.00 -3.37 13.61
N GLU A 220 31.00 -4.24 13.76
CA GLU A 220 30.22 -4.64 12.59
C GLU A 220 28.92 -3.83 12.43
N LEU A 221 28.67 -2.91 13.36
CA LEU A 221 27.43 -2.14 13.29
C LEU A 221 27.27 -1.32 11.98
N PRO A 222 28.32 -0.58 11.55
CA PRO A 222 28.14 0.14 10.28
C PRO A 222 27.82 -0.80 9.09
N ARG A 223 28.52 -1.93 9.04
CA ARG A 223 28.28 -2.91 7.96
C ARG A 223 26.83 -3.40 7.99
N ARG A 224 26.34 -3.77 9.17
CA ARG A 224 24.99 -4.31 9.25
C ARG A 224 23.95 -3.25 8.89
N ILE A 225 24.20 -2.00 9.27
CA ILE A 225 23.30 -0.92 8.86
C ILE A 225 23.28 -0.74 7.33
N ASN A 226 24.45 -0.77 6.68
CA ASN A 226 24.49 -0.69 5.23
C ASN A 226 23.75 -1.84 4.58
N GLU A 227 23.97 -3.04 5.09
CA GLU A 227 23.31 -4.22 4.53
C GLU A 227 21.78 -4.11 4.62
N ALA A 228 21.30 -3.65 5.78
CA ALA A 228 19.87 -3.49 6.00
C ALA A 228 19.27 -2.55 4.95
N PHE A 229 19.88 -1.39 4.76
CA PHE A 229 19.28 -0.41 3.86
C PHE A 229 19.34 -0.92 2.44
N GLU A 230 20.43 -1.63 2.13
CA GLU A 230 20.59 -2.15 0.78
C GLU A 230 19.56 -3.22 0.47
N ILE A 231 19.38 -4.17 1.38
CA ILE A 231 18.42 -5.23 1.16
C ILE A 231 16.99 -4.68 1.13
N ALA A 232 16.70 -3.73 2.02
CA ALA A 232 15.35 -3.18 2.11
C ALA A 232 14.94 -2.51 0.80
N THR A 233 15.91 -1.91 0.11
CA THR A 233 15.55 -1.03 -1.01
C THR A 233 15.84 -1.62 -2.38
N THR A 234 16.41 -2.81 -2.46
CA THR A 234 16.72 -3.43 -3.75
C THR A 234 15.86 -4.64 -4.02
N GLY A 235 15.86 -5.15 -5.26
CA GLY A 235 14.97 -6.25 -5.62
C GLY A 235 13.55 -5.76 -5.38
N ARG A 236 12.67 -6.64 -4.92
CA ARG A 236 11.38 -6.16 -4.45
C ARG A 236 11.59 -5.55 -3.09
N PRO A 237 11.27 -4.25 -2.92
CA PRO A 237 11.55 -3.66 -1.60
C PRO A 237 10.80 -4.38 -0.49
N GLY A 238 11.29 -4.29 0.75
CA GLY A 238 10.61 -4.96 1.82
C GLY A 238 11.29 -4.68 3.14
N PRO A 239 10.72 -5.21 4.22
CA PRO A 239 11.19 -4.90 5.57
C PRO A 239 12.42 -5.69 5.98
N VAL A 240 13.30 -5.07 6.75
CA VAL A 240 14.41 -5.78 7.38
C VAL A 240 14.45 -5.41 8.86
N LEU A 241 15.06 -6.25 9.68
CA LEU A 241 15.19 -5.91 11.09
C LEU A 241 16.62 -6.10 11.53
N VAL A 242 17.12 -5.14 12.31
CA VAL A 242 18.45 -5.18 12.89
C VAL A 242 18.29 -5.11 14.41
N ASP A 243 18.72 -6.15 15.09
CA ASP A 243 18.59 -6.29 16.56
C ASP A 243 19.88 -5.74 17.21
N LEU A 244 19.71 -4.86 18.21
CA LEU A 244 20.81 -4.07 18.77
C LEU A 244 20.96 -4.31 20.27
N PRO A 245 21.81 -5.25 20.65
CA PRO A 245 21.97 -5.51 22.10
C PRO A 245 22.48 -4.28 22.81
N LYS A 246 21.99 -4.08 24.03
CA LYS A 246 22.30 -2.85 24.73
C LYS A 246 23.80 -2.69 25.01
N ASP A 247 24.49 -3.80 25.26
CA ASP A 247 25.93 -3.66 25.54
C ASP A 247 26.70 -3.33 24.26
N VAL A 248 26.17 -3.71 23.10
CA VAL A 248 26.79 -3.30 21.84
C VAL A 248 26.62 -1.79 21.60
N THR A 249 25.41 -1.28 21.79
CA THR A 249 25.21 0.14 21.49
C THR A 249 25.86 1.05 22.56
N ALA A 250 26.03 0.54 23.77
CA ALA A 250 26.73 1.29 24.82
C ALA A 250 28.26 1.20 24.64
N SER A 251 28.72 0.12 24.01
CA SER A 251 30.17 -0.08 23.89
C SER A 251 30.83 0.93 22.94
N ILE A 252 32.13 1.15 23.12
CA ILE A 252 32.85 2.12 22.30
C ILE A 252 33.75 1.41 21.29
N LEU A 253 33.76 1.88 20.05
CA LEU A 253 34.60 1.31 19.01
C LEU A 253 36.06 1.61 19.30
N ARG A 254 36.88 0.57 19.40
CA ARG A 254 38.29 0.75 19.75
C ARG A 254 39.25 0.35 18.62
N GLU A 255 38.71 -0.04 17.47
CA GLU A 255 39.55 -0.55 16.39
C GLU A 255 39.11 0.02 15.05
N SER A 256 40.03 0.09 14.10
CA SER A 256 39.68 0.54 12.76
C SER A 256 38.79 -0.49 12.09
N ILE A 257 38.01 -0.04 11.11
CA ILE A 257 37.10 -0.92 10.38
C ILE A 257 37.21 -0.60 8.89
N PRO A 258 36.88 -1.58 8.01
CA PRO A 258 37.05 -1.35 6.57
C PRO A 258 36.28 -0.13 6.14
N ILE A 259 36.95 0.75 5.41
CA ILE A 259 36.35 1.99 5.02
C ILE A 259 35.08 1.79 4.19
N ASN A 260 35.01 0.69 3.44
N ASN A 260 34.99 0.69 3.44
CA ASN A 260 33.84 0.40 2.64
CA ASN A 260 33.79 0.46 2.64
C ASN A 260 32.58 0.21 3.51
C ASN A 260 32.56 0.30 3.54
N THR A 261 32.77 -0.17 4.77
CA THR A 261 31.63 -0.39 5.67
C THR A 261 31.11 0.92 6.28
N THR A 262 31.83 2.03 6.10
CA THR A 262 31.38 3.30 6.67
C THR A 262 30.60 4.15 5.68
N LEU A 263 30.38 3.59 4.49
CA LEU A 263 29.65 4.31 3.44
C LEU A 263 28.52 3.44 2.89
N PRO A 264 27.36 4.06 2.66
CA PRO A 264 26.21 3.39 2.03
C PRO A 264 26.58 2.70 0.71
N ALA A 275 24.87 -3.69 -16.65
CA ALA A 275 24.25 -3.82 -17.97
C ALA A 275 23.25 -4.98 -17.99
N VAL A 276 22.32 -4.94 -18.95
CA VAL A 276 21.29 -5.98 -19.07
C VAL A 276 21.88 -7.28 -19.62
N SER A 277 21.48 -8.41 -19.04
CA SER A 277 21.97 -9.70 -19.48
C SER A 277 21.53 -9.98 -20.92
N GLU A 278 22.33 -10.75 -21.65
CA GLU A 278 21.96 -11.14 -22.99
C GLU A 278 20.67 -11.95 -22.96
N PHE A 279 20.51 -12.74 -21.91
CA PHE A 279 19.32 -13.55 -21.76
C PHE A 279 18.06 -12.68 -21.71
N THR A 280 18.16 -11.56 -20.99
CA THR A 280 17.02 -10.67 -20.81
C THR A 280 16.81 -9.80 -22.05
N SER A 281 17.91 -9.36 -22.65
CA SER A 281 17.85 -8.63 -23.92
C SER A 281 17.11 -9.45 -24.99
N GLU A 282 17.38 -10.75 -25.04
CA GLU A 282 16.71 -11.62 -25.99
C GLU A 282 15.25 -11.81 -25.63
N ALA A 283 14.94 -11.86 -24.33
CA ALA A 283 13.54 -12.02 -23.93
C ALA A 283 12.76 -10.76 -24.30
N ILE A 284 13.41 -9.61 -24.14
CA ILE A 284 12.74 -8.33 -24.48
C ILE A 284 12.43 -8.27 -25.97
N LYS A 285 13.39 -8.69 -26.80
CA LYS A 285 13.13 -8.76 -28.26
C LYS A 285 11.99 -9.70 -28.59
N ARG A 286 11.97 -10.89 -28.00
CA ARG A 286 10.87 -11.81 -28.28
C ARG A 286 9.55 -11.25 -27.78
N ALA A 287 9.57 -10.61 -26.61
CA ALA A 287 8.36 -9.99 -26.08
C ALA A 287 7.82 -8.93 -27.03
N ALA A 288 8.70 -8.10 -27.56
CA ALA A 288 8.28 -7.07 -28.50
C ALA A 288 7.67 -7.72 -29.75
N ASN A 289 8.27 -8.80 -30.25
CA ASN A 289 7.72 -9.44 -31.45
C ASN A 289 6.34 -10.01 -31.17
N ILE A 290 6.11 -10.50 -29.97
CA ILE A 290 4.79 -10.98 -29.58
C ILE A 290 3.77 -9.84 -29.54
N LEU A 291 4.14 -8.73 -28.91
CA LEU A 291 3.20 -7.61 -28.79
C LEU A 291 2.88 -7.06 -30.19
N ASN A 292 3.89 -7.03 -31.05
CA ASN A 292 3.69 -6.53 -32.42
C ASN A 292 2.71 -7.37 -33.25
N LYS A 293 2.40 -8.58 -32.78
CA LYS A 293 1.36 -9.40 -33.43
C LYS A 293 -0.02 -9.22 -32.81
N ALA A 294 -0.07 -8.66 -31.60
CA ALA A 294 -1.32 -8.64 -30.83
C ALA A 294 -2.41 -7.80 -31.46
N LYS A 295 -3.64 -8.30 -31.38
CA LYS A 295 -4.81 -7.59 -31.87
C LYS A 295 -5.68 -7.06 -30.74
N LYS A 296 -5.48 -7.60 -29.53
CA LYS A 296 -6.30 -7.25 -28.39
C LYS A 296 -5.39 -7.13 -27.13
N PRO A 297 -4.42 -6.20 -27.14
CA PRO A 297 -3.47 -6.12 -26.02
C PRO A 297 -4.07 -5.40 -24.82
N ILE A 298 -3.51 -5.64 -23.64
CA ILE A 298 -3.94 -4.90 -22.48
C ILE A 298 -2.71 -4.81 -21.55
N ILE A 299 -2.53 -3.67 -20.91
CA ILE A 299 -1.49 -3.51 -19.88
C ILE A 299 -2.13 -3.73 -18.53
N TYR A 300 -1.49 -4.56 -17.73
CA TYR A 300 -1.93 -4.86 -16.36
C TYR A 300 -0.79 -4.35 -15.49
N ALA A 301 -0.97 -3.17 -14.90
CA ALA A 301 0.14 -2.48 -14.22
C ALA A 301 -0.08 -2.44 -12.71
N GLY A 302 1.01 -2.60 -11.97
CA GLY A 302 0.91 -2.66 -10.53
C GLY A 302 1.94 -1.81 -9.82
N ALA A 303 2.13 -2.10 -8.54
CA ALA A 303 3.01 -1.32 -7.69
C ALA A 303 4.44 -1.16 -8.20
N GLY A 304 4.95 -2.14 -8.94
CA GLY A 304 6.33 -2.04 -9.38
C GLY A 304 6.64 -0.86 -10.28
N ILE A 305 5.64 -0.41 -11.02
CA ILE A 305 5.85 0.72 -11.91
CA ILE A 305 5.79 0.76 -11.90
C ILE A 305 6.07 2.01 -11.07
N LEU A 306 5.61 2.00 -9.81
CA LEU A 306 5.81 3.18 -8.94
C LEU A 306 7.20 3.22 -8.33
N ASN A 307 7.98 2.16 -8.49
CA ASN A 307 9.29 2.12 -7.84
C ASN A 307 10.40 2.77 -8.65
N ASN A 308 10.03 3.48 -9.71
CA ASN A 308 10.99 4.29 -10.43
C ASN A 308 10.23 5.57 -10.80
N GLU A 309 10.86 6.70 -10.59
CA GLU A 309 10.24 7.99 -10.88
C GLU A 309 9.76 8.08 -12.34
N GLN A 310 10.45 7.40 -13.25
CA GLN A 310 10.09 7.44 -14.67
C GLN A 310 9.07 6.38 -15.06
N GLY A 311 8.69 5.52 -14.10
CA GLY A 311 7.76 4.44 -14.40
C GLY A 311 6.46 4.87 -15.08
N PRO A 312 5.68 5.75 -14.44
CA PRO A 312 4.41 6.14 -15.06
C PRO A 312 4.61 6.80 -16.46
N LYS A 313 5.69 7.56 -16.60
CA LYS A 313 6.01 8.15 -17.90
C LYS A 313 6.18 7.08 -18.98
N LEU A 314 6.95 6.04 -18.68
CA LEU A 314 7.20 4.98 -19.67
C LEU A 314 5.99 4.09 -19.90
N LEU A 315 5.19 3.89 -18.85
CA LEU A 315 3.92 3.18 -19.02
C LEU A 315 3.03 3.93 -20.04
N LYS A 316 2.92 5.24 -19.88
CA LYS A 316 2.11 6.05 -20.79
C LYS A 316 2.71 6.04 -22.21
N GLU A 317 4.03 6.12 -22.30
CA GLU A 317 4.67 6.09 -23.61
C GLU A 317 4.36 4.80 -24.35
N LEU A 318 4.41 3.68 -23.63
CA LEU A 318 4.07 2.39 -24.24
C LEU A 318 2.60 2.33 -24.65
N ALA A 319 1.71 2.73 -23.75
CA ALA A 319 0.28 2.64 -24.03
C ALA A 319 -0.08 3.54 -25.23
N ASP A 320 0.53 4.72 -25.28
CA ASP A 320 0.27 5.65 -26.39
C ASP A 320 0.81 5.11 -27.69
N LYS A 321 2.04 4.64 -27.66
CA LYS A 321 2.70 4.19 -28.89
C LYS A 321 1.97 3.02 -29.53
N ALA A 322 1.67 2.00 -28.73
CA ALA A 322 1.11 0.76 -29.27
C ALA A 322 -0.41 0.75 -29.16
N ASN A 323 -0.95 1.85 -28.62
CA ASN A 323 -2.39 2.02 -28.48
C ASN A 323 -3.03 0.89 -27.67
N ILE A 324 -2.72 0.85 -26.36
CA ILE A 324 -3.10 -0.25 -25.48
C ILE A 324 -3.89 0.28 -24.28
N PRO A 325 -5.07 -0.31 -23.98
CA PRO A 325 -5.82 0.07 -22.79
C PRO A 325 -5.08 -0.40 -21.53
N VAL A 326 -5.25 0.32 -20.43
CA VAL A 326 -4.48 0.08 -19.21
C VAL A 326 -5.39 -0.13 -18.02
N THR A 327 -5.23 -1.28 -17.33
CA THR A 327 -5.89 -1.52 -16.05
C THR A 327 -4.79 -1.58 -14.99
N THR A 328 -5.14 -1.25 -13.74
CA THR A 328 -4.14 -1.36 -12.65
C THR A 328 -4.73 -2.12 -11.49
N THR A 329 -3.84 -2.65 -10.66
CA THR A 329 -4.23 -3.18 -9.36
C THR A 329 -4.60 -2.05 -8.41
N LEU A 330 -5.09 -2.44 -7.23
CA LEU A 330 -5.24 -1.52 -6.11
C LEU A 330 -3.95 -0.78 -5.83
N GLN A 331 -2.82 -1.49 -5.86
CA GLN A 331 -1.55 -0.88 -5.46
C GLN A 331 -0.92 -0.09 -6.61
N GLY A 332 -1.44 -0.26 -7.83
CA GLY A 332 -0.94 0.51 -8.95
C GLY A 332 -1.78 1.76 -9.24
N LEU A 333 -2.84 1.99 -8.45
CA LEU A 333 -3.70 3.16 -8.68
C LEU A 333 -2.85 4.43 -8.65
N GLY A 334 -3.05 5.30 -9.65
CA GLY A 334 -2.20 6.49 -9.76
C GLY A 334 -1.05 6.33 -10.73
N ALA A 335 -0.76 5.09 -11.13
CA ALA A 335 0.32 4.87 -12.08
C ALA A 335 -0.10 5.33 -13.48
N PHE A 336 -1.40 5.32 -13.73
CA PHE A 336 -1.94 5.71 -15.03
C PHE A 336 -3.03 6.76 -14.81
N ASP A 337 -3.09 7.77 -15.67
CA ASP A 337 -4.11 8.81 -15.47
C ASP A 337 -5.48 8.28 -15.83
N GLN A 338 -6.36 8.13 -14.83
CA GLN A 338 -7.62 7.46 -15.09
C GLN A 338 -8.55 8.32 -15.95
N ARG A 339 -8.15 9.57 -16.19
CA ARG A 339 -8.95 10.43 -17.08
C ARG A 339 -8.70 10.13 -18.55
N ASP A 340 -7.59 9.46 -18.83
CA ASP A 340 -7.26 9.02 -20.20
C ASP A 340 -8.28 8.01 -20.73
N PRO A 341 -8.72 8.18 -21.99
CA PRO A 341 -9.71 7.22 -22.51
C PRO A 341 -9.24 5.77 -22.53
N LYS A 342 -7.92 5.56 -22.51
CA LYS A 342 -7.36 4.20 -22.52
C LYS A 342 -7.47 3.53 -21.14
N SER A 343 -7.82 4.30 -20.13
CA SER A 343 -7.94 3.74 -18.77
C SER A 343 -9.14 2.81 -18.59
N LEU A 344 -8.86 1.59 -18.14
CA LEU A 344 -9.90 0.61 -17.80
C LEU A 344 -10.21 0.56 -16.30
N ASP A 345 -9.54 1.41 -15.53
CA ASP A 345 -9.72 1.48 -14.08
C ASP A 345 -9.10 0.24 -13.40
N MET A 346 -9.51 -0.04 -12.16
CA MET A 346 -8.94 -1.17 -11.41
C MET A 346 -9.55 -2.50 -11.82
N LEU A 347 -8.74 -3.54 -11.87
CA LEU A 347 -9.30 -4.88 -12.12
C LEU A 347 -9.40 -5.67 -10.81
N GLY A 348 -10.09 -6.80 -10.85
CA GLY A 348 -10.08 -7.72 -9.73
C GLY A 348 -11.41 -7.98 -9.09
N MET A 349 -11.34 -8.60 -7.91
CA MET A 349 -12.55 -8.99 -7.16
CA MET A 349 -12.51 -8.97 -7.14
C MET A 349 -13.58 -7.88 -7.06
N HIS A 350 -13.13 -6.66 -6.77
CA HIS A 350 -14.07 -5.53 -6.69
C HIS A 350 -13.71 -4.45 -7.69
N GLY A 351 -12.94 -4.81 -8.71
CA GLY A 351 -12.57 -3.87 -9.75
C GLY A 351 -13.67 -3.75 -10.82
N SER A 352 -13.42 -2.92 -11.81
CA SER A 352 -14.40 -2.67 -12.88
C SER A 352 -14.70 -3.94 -13.69
N ALA A 353 -15.98 -4.21 -13.94
CA ALA A 353 -16.35 -5.34 -14.79
C ALA A 353 -15.86 -5.11 -16.24
N ALA A 354 -15.59 -3.86 -16.62
CA ALA A 354 -14.97 -3.61 -17.93
C ALA A 354 -13.52 -4.08 -17.95
N ALA A 355 -12.77 -3.73 -16.91
CA ALA A 355 -11.38 -4.14 -16.82
C ALA A 355 -11.32 -5.67 -16.80
N ASN A 356 -12.18 -6.30 -15.99
CA ASN A 356 -12.19 -7.76 -15.83
C ASN A 356 -12.57 -8.44 -17.16
N THR A 357 -13.56 -7.88 -17.85
CA THR A 357 -13.91 -8.43 -19.16
C THR A 357 -12.77 -8.32 -20.15
N ALA A 358 -12.13 -7.16 -20.17
CA ALA A 358 -11.05 -6.93 -21.11
C ALA A 358 -9.88 -7.87 -20.89
N ILE A 359 -9.48 -8.11 -19.64
CA ILE A 359 -8.32 -8.97 -19.46
CA ILE A 359 -8.38 -9.01 -19.33
C ILE A 359 -8.69 -10.43 -19.80
N GLN A 360 -9.94 -10.80 -19.63
CA GLN A 360 -10.37 -12.17 -19.93
C GLN A 360 -10.45 -12.38 -21.45
N ASN A 361 -10.47 -11.28 -22.20
CA ASN A 361 -10.61 -11.35 -23.67
C ASN A 361 -9.39 -10.90 -24.45
N ALA A 362 -8.37 -10.43 -23.74
CA ALA A 362 -7.16 -9.95 -24.35
C ALA A 362 -6.32 -11.08 -24.92
N ASP A 363 -5.64 -10.84 -26.04
CA ASP A 363 -4.74 -11.87 -26.56
C ASP A 363 -3.29 -11.66 -26.11
N CYS A 364 -2.98 -10.47 -25.62
CA CYS A 364 -1.64 -10.22 -25.07
C CYS A 364 -1.77 -9.40 -23.79
N ILE A 365 -1.21 -9.90 -22.69
CA ILE A 365 -1.27 -9.20 -21.40
C ILE A 365 0.14 -8.75 -21.05
N ILE A 366 0.35 -7.45 -20.95
CA ILE A 366 1.64 -6.92 -20.56
C ILE A 366 1.57 -6.60 -19.08
N ALA A 367 2.19 -7.45 -18.26
CA ALA A 367 2.10 -7.33 -16.80
C ALA A 367 3.29 -6.56 -16.29
N LEU A 368 3.05 -5.35 -15.80
CA LEU A 368 4.13 -4.45 -15.46
C LEU A 368 4.20 -4.26 -13.94
N GLY A 369 5.12 -4.96 -13.27
CA GLY A 369 5.26 -4.76 -11.82
C GLY A 369 4.00 -5.11 -11.04
N ALA A 370 3.42 -6.28 -11.34
CA ALA A 370 2.23 -6.74 -10.64
C ALA A 370 2.36 -8.25 -10.43
N ARG A 371 1.80 -8.77 -9.34
CA ARG A 371 2.18 -10.16 -8.96
C ARG A 371 1.08 -11.19 -9.11
N PHE A 372 0.00 -10.87 -9.84
CA PHE A 372 -1.09 -11.82 -10.04
C PHE A 372 -1.64 -12.37 -8.71
N ASP A 373 -1.92 -11.44 -7.78
N ASP A 373 -1.83 -11.50 -7.73
CA ASP A 373 -2.52 -11.73 -6.46
CA ASP A 373 -2.33 -11.98 -6.46
C ASP A 373 -3.86 -12.40 -6.61
C ASP A 373 -3.75 -12.48 -6.63
N ASP A 374 -4.25 -13.18 -5.62
CA ASP A 374 -5.51 -13.91 -5.77
C ASP A 374 -6.75 -13.00 -5.61
N ARG A 375 -6.56 -11.72 -5.24
CA ARG A 375 -7.69 -10.77 -5.31
C ARG A 375 -7.89 -10.31 -6.76
N VAL A 376 -6.87 -10.48 -7.58
CA VAL A 376 -6.90 -9.97 -8.96
C VAL A 376 -7.27 -11.03 -10.00
N THR A 377 -6.83 -12.27 -9.80
CA THR A 377 -6.97 -13.23 -10.91
C THR A 377 -8.32 -13.90 -11.02
N GLY A 378 -9.11 -13.84 -9.95
CA GLY A 378 -10.29 -14.69 -9.86
C GLY A 378 -9.83 -16.15 -9.87
N ASN A 379 -10.71 -17.04 -10.28
CA ASN A 379 -10.37 -18.47 -10.42
C ASN A 379 -9.17 -18.63 -11.38
N ILE A 380 -8.04 -19.06 -10.83
CA ILE A 380 -6.80 -19.08 -11.57
C ILE A 380 -6.90 -19.95 -12.84
N SER A 381 -7.56 -21.09 -12.73
CA SER A 381 -7.63 -21.99 -13.89
C SER A 381 -8.44 -21.35 -15.01
N LYS A 382 -9.28 -20.36 -14.70
CA LYS A 382 -10.14 -19.72 -15.72
C LYS A 382 -9.67 -18.32 -16.10
N PHE A 383 -8.49 -17.95 -15.61
CA PHE A 383 -7.93 -16.64 -15.83
C PHE A 383 -7.31 -16.50 -17.21
N ALA A 384 -7.58 -15.37 -17.87
CA ALA A 384 -6.87 -15.00 -19.10
C ALA A 384 -6.95 -16.07 -20.22
N PRO A 385 -8.14 -16.61 -20.47
CA PRO A 385 -8.20 -17.70 -21.47
C PRO A 385 -7.78 -17.31 -22.89
N GLU A 386 -8.03 -16.06 -23.30
CA GLU A 386 -7.68 -15.63 -24.65
C GLU A 386 -6.19 -15.43 -24.78
N ALA A 387 -5.53 -15.05 -23.68
CA ALA A 387 -4.09 -14.86 -23.76
C ALA A 387 -3.38 -16.22 -23.77
N LYS A 388 -3.92 -17.17 -23.02
CA LYS A 388 -3.36 -18.51 -23.01
C LYS A 388 -3.53 -19.15 -24.40
N LEU A 389 -4.71 -18.98 -24.98
CA LEU A 389 -4.94 -19.48 -26.35
C LEU A 389 -3.96 -18.88 -27.32
N ALA A 390 -3.78 -17.56 -27.25
CA ALA A 390 -2.87 -16.87 -28.14
C ALA A 390 -1.44 -17.35 -28.00
N ALA A 391 -0.99 -17.57 -26.75
CA ALA A 391 0.36 -18.10 -26.52
C ALA A 391 0.53 -19.46 -27.21
N SER A 392 -0.47 -20.31 -27.07
CA SER A 392 -0.41 -21.65 -27.68
C SER A 392 -0.38 -21.58 -29.20
N GLU A 393 -0.93 -20.51 -29.76
CA GLU A 393 -1.00 -20.38 -31.22
C GLU A 393 0.10 -19.46 -31.73
N GLY A 394 1.02 -19.09 -30.84
CA GLY A 394 2.15 -18.27 -31.23
C GLY A 394 1.83 -16.86 -31.66
N ARG A 395 0.71 -16.30 -31.16
CA ARG A 395 0.30 -14.95 -31.51
C ARG A 395 -0.04 -14.05 -30.31
N GLY A 396 0.46 -14.39 -29.13
CA GLY A 396 0.18 -13.56 -27.96
C GLY A 396 0.69 -14.21 -26.69
N GLY A 397 0.03 -13.91 -25.57
CA GLY A 397 0.44 -14.49 -24.30
C GLY A 397 0.61 -13.46 -23.20
N ILE A 398 1.37 -13.83 -22.18
CA ILE A 398 1.59 -12.96 -21.04
C ILE A 398 3.05 -12.57 -21.02
N LEU A 399 3.29 -11.27 -21.01
CA LEU A 399 4.64 -10.73 -20.97
C LEU A 399 4.83 -10.11 -19.60
N HIS A 400 5.65 -10.74 -18.78
CA HIS A 400 5.74 -10.39 -17.36
C HIS A 400 7.04 -9.69 -17.02
N PHE A 401 6.95 -8.39 -16.72
CA PHE A 401 8.10 -7.59 -16.38
C PHE A 401 8.20 -7.59 -14.85
N GLU A 402 9.16 -8.30 -14.28
CA GLU A 402 9.12 -8.57 -12.83
C GLU A 402 10.53 -8.57 -12.25
N ILE A 403 10.72 -7.94 -11.09
CA ILE A 403 12.07 -7.78 -10.55
C ILE A 403 12.48 -8.97 -9.67
N SER A 404 11.49 -9.70 -9.16
CA SER A 404 11.76 -10.78 -8.22
C SER A 404 11.48 -12.13 -8.86
N PRO A 405 12.55 -12.94 -9.07
CA PRO A 405 12.36 -14.26 -9.72
C PRO A 405 11.35 -15.13 -9.00
N LYS A 406 11.26 -14.98 -7.68
CA LYS A 406 10.24 -15.71 -6.92
C LYS A 406 8.82 -15.50 -7.48
N ASN A 407 8.55 -14.32 -8.04
CA ASN A 407 7.17 -14.05 -8.46
C ASN A 407 6.97 -14.21 -9.96
N ILE A 408 8.01 -14.68 -10.64
CA ILE A 408 7.86 -15.09 -12.04
C ILE A 408 7.46 -16.54 -12.12
N ASN A 409 6.39 -16.81 -12.86
CA ASN A 409 5.83 -18.16 -13.01
C ASN A 409 5.40 -18.73 -11.68
N LYS A 410 4.96 -17.87 -10.76
CA LYS A 410 4.50 -18.36 -9.46
C LYS A 410 3.04 -18.75 -9.51
N VAL A 411 2.25 -17.95 -10.23
CA VAL A 411 0.81 -18.12 -10.24
C VAL A 411 0.35 -18.52 -11.63
N VAL A 412 0.84 -17.76 -12.61
CA VAL A 412 0.52 -17.99 -14.02
C VAL A 412 1.81 -18.07 -14.82
N GLU A 413 1.81 -18.93 -15.83
CA GLU A 413 2.99 -19.04 -16.67
C GLU A 413 3.17 -17.82 -17.56
N ALA A 414 4.35 -17.21 -17.52
CA ALA A 414 4.68 -16.11 -18.41
C ALA A 414 5.07 -16.66 -19.77
N THR A 415 4.58 -16.07 -20.83
CA THR A 415 5.03 -16.44 -22.18
C THR A 415 6.46 -15.97 -22.37
N GLU A 416 6.71 -14.73 -21.94
CA GLU A 416 8.06 -14.21 -21.80
C GLU A 416 8.19 -13.54 -20.44
N ALA A 417 9.26 -13.88 -19.74
CA ALA A 417 9.57 -13.30 -18.46
C ALA A 417 10.68 -12.32 -18.66
N ILE A 418 10.47 -11.07 -18.28
CA ILE A 418 11.51 -10.08 -18.44
C ILE A 418 11.96 -9.65 -17.05
N GLU A 419 13.12 -10.14 -16.64
CA GLU A 419 13.52 -9.98 -15.26
C GLU A 419 14.24 -8.66 -15.03
N GLY A 420 13.92 -7.98 -13.93
CA GLY A 420 14.65 -6.79 -13.54
C GLY A 420 13.69 -5.63 -13.30
N ASP A 421 14.24 -4.43 -13.16
CA ASP A 421 13.40 -3.24 -12.93
C ASP A 421 12.52 -2.99 -14.17
N VAL A 422 11.21 -2.93 -13.97
CA VAL A 422 10.29 -2.78 -15.10
C VAL A 422 10.54 -1.48 -15.86
N THR A 423 10.87 -0.40 -15.16
CA THR A 423 11.06 0.87 -15.87
C THR A 423 12.31 0.84 -16.76
N ALA A 424 13.44 0.36 -16.24
CA ALA A 424 14.63 0.17 -17.06
C ALA A 424 14.38 -0.73 -18.26
N ASN A 425 13.68 -1.84 -18.03
CA ASN A 425 13.42 -2.76 -19.13
C ASN A 425 12.43 -2.19 -20.15
N LEU A 426 11.49 -1.34 -19.72
CA LEU A 426 10.61 -0.64 -20.66
C LEU A 426 11.41 0.28 -21.57
N GLN A 427 12.49 0.90 -21.08
CA GLN A 427 13.31 1.73 -21.95
C GLN A 427 13.88 0.95 -23.13
N SER A 428 14.16 -0.34 -22.92
CA SER A 428 14.70 -1.20 -23.97
C SER A 428 13.61 -1.75 -24.85
N PHE A 429 12.45 -2.00 -24.26
CA PHE A 429 11.32 -2.65 -24.90
C PHE A 429 10.62 -1.75 -25.92
N ILE A 430 10.31 -0.53 -25.49
CA ILE A 430 9.45 0.36 -26.26
C ILE A 430 10.01 0.67 -27.69
N PRO A 431 11.34 0.90 -27.82
CA PRO A 431 11.84 1.10 -29.20
C PRO A 431 11.62 -0.07 -30.16
N LEU A 432 11.44 -1.27 -29.63
CA LEU A 432 11.25 -2.46 -30.46
C LEU A 432 9.78 -2.67 -30.77
N VAL A 433 8.95 -1.89 -30.11
CA VAL A 433 7.52 -2.04 -30.26
C VAL A 433 6.99 -1.14 -31.39
N ASP A 434 6.20 -1.70 -32.30
CA ASP A 434 5.63 -0.95 -33.44
C ASP A 434 4.59 0.06 -33.02
N SER A 435 4.68 1.29 -33.54
CA SER A 435 3.62 2.26 -33.30
CA SER A 435 3.62 2.26 -33.30
C SER A 435 2.34 1.83 -34.01
N ILE A 436 1.21 1.97 -33.34
CA ILE A 436 -0.08 1.56 -33.87
C ILE A 436 -1.05 2.73 -33.78
N GLU A 437 -1.63 3.11 -34.92
CA GLU A 437 -2.50 4.29 -34.96
C GLU A 437 -3.86 4.02 -34.34
N ASN A 438 -4.52 2.96 -34.80
CA ASN A 438 -5.86 2.62 -34.32
C ASN A 438 -6.05 1.13 -34.17
N ARG A 439 -6.97 0.76 -33.29
CA ARG A 439 -7.43 -0.61 -33.14
C ARG A 439 -8.93 -0.53 -33.05
N PRO A 440 -9.60 -0.34 -34.19
CA PRO A 440 -11.04 -0.06 -34.18
C PRO A 440 -11.88 -1.13 -33.53
N GLU A 441 -11.64 -2.40 -33.84
CA GLU A 441 -12.54 -3.44 -33.32
C GLU A 441 -12.32 -3.63 -31.81
N TRP A 442 -11.06 -3.58 -31.38
CA TRP A 442 -10.73 -3.79 -29.95
C TRP A 442 -11.26 -2.64 -29.13
N PHE A 443 -10.97 -1.41 -29.55
CA PHE A 443 -11.43 -0.27 -28.78
C PHE A 443 -12.93 -0.06 -28.86
N ASN A 444 -13.56 -0.53 -29.93
CA ASN A 444 -15.01 -0.60 -29.94
C ASN A 444 -15.54 -1.45 -28.79
N LYS A 445 -14.92 -2.61 -28.57
CA LYS A 445 -15.32 -3.48 -27.47
C LYS A 445 -15.01 -2.82 -26.11
N ILE A 446 -13.82 -2.24 -25.99
N ILE A 446 -13.81 -2.25 -25.99
CA ILE A 446 -13.43 -1.61 -24.74
CA ILE A 446 -13.40 -1.59 -24.75
C ILE A 446 -14.36 -0.46 -24.38
C ILE A 446 -14.38 -0.48 -24.39
N ASN A 447 -14.70 0.36 -25.37
CA ASN A 447 -15.60 1.48 -25.12
C ASN A 447 -17.00 1.01 -24.75
N GLU A 448 -17.48 -0.06 -25.39
CA GLU A 448 -18.80 -0.60 -25.07
C GLU A 448 -18.81 -1.15 -23.66
N TRP A 449 -17.74 -1.86 -23.30
CA TRP A 449 -17.64 -2.43 -21.95
C TRP A 449 -17.60 -1.33 -20.88
N LYS A 450 -16.82 -0.27 -21.12
CA LYS A 450 -16.76 0.84 -20.17
C LYS A 450 -18.14 1.45 -20.01
N LYS A 451 -18.87 1.65 -21.11
CA LYS A 451 -20.20 2.24 -21.01
C LYS A 451 -21.16 1.33 -20.26
N LYS A 452 -21.02 0.04 -20.47
CA LYS A 452 -21.92 -0.96 -19.92
C LYS A 452 -21.70 -1.19 -18.42
N TYR A 453 -20.47 -0.96 -17.98
CA TYR A 453 -20.04 -1.39 -16.64
C TYR A 453 -19.50 -0.25 -15.76
N PRO A 454 -20.31 0.79 -15.54
CA PRO A 454 -19.86 1.81 -14.58
C PRO A 454 -19.98 1.25 -13.15
N TYR A 455 -19.37 1.95 -12.20
CA TYR A 455 -19.56 1.61 -10.81
C TYR A 455 -20.92 2.07 -10.28
N SER A 456 -21.98 1.39 -10.69
CA SER A 456 -23.32 1.81 -10.30
CA SER A 456 -23.35 1.75 -10.33
C SER A 456 -23.68 1.35 -8.90
N TYR A 457 -24.62 2.06 -8.29
CA TYR A 457 -25.08 1.75 -6.95
C TYR A 457 -26.42 2.43 -6.73
N GLN A 458 -27.10 2.09 -5.64
CA GLN A 458 -28.36 2.72 -5.31
C GLN A 458 -28.15 4.12 -4.75
N LEU A 459 -28.67 5.12 -5.47
CA LEU A 459 -28.58 6.50 -5.01
C LEU A 459 -29.42 6.76 -3.77
N GLU A 460 -29.04 7.80 -3.04
CA GLU A 460 -29.86 8.40 -2.01
C GLU A 460 -31.30 8.54 -2.48
N THR A 461 -32.22 8.43 -1.52
CA THR A 461 -33.61 8.71 -1.76
C THR A 461 -34.02 9.71 -0.72
N PRO A 462 -35.21 10.33 -0.86
CA PRO A 462 -35.52 11.34 0.15
C PRO A 462 -35.57 10.77 1.56
N GLY A 463 -34.89 11.43 2.48
CA GLY A 463 -34.81 10.95 3.85
C GLY A 463 -33.80 9.86 4.14
N SER A 464 -33.21 9.25 3.12
CA SER A 464 -32.24 8.16 3.34
C SER A 464 -30.93 8.70 3.94
N LEU A 465 -30.11 7.82 4.51
CA LEU A 465 -28.77 8.22 4.92
C LEU A 465 -27.92 8.47 3.67
N ILE A 466 -26.82 9.16 3.87
CA ILE A 466 -25.83 9.31 2.80
C ILE A 466 -25.31 7.95 2.37
N LYS A 467 -25.20 7.73 1.07
CA LYS A 467 -24.61 6.48 0.58
C LYS A 467 -23.10 6.60 0.62
N PRO A 468 -22.40 5.53 1.04
CA PRO A 468 -20.93 5.68 1.14
C PRO A 468 -20.28 5.98 -0.19
N GLN A 469 -20.85 5.47 -1.29
CA GLN A 469 -20.25 5.71 -2.60
C GLN A 469 -20.30 7.22 -2.95
N THR A 470 -21.42 7.83 -2.60
CA THR A 470 -21.64 9.26 -2.85
C THR A 470 -20.67 10.10 -2.06
N LEU A 471 -20.47 9.72 -0.79
CA LEU A 471 -19.51 10.43 0.04
C LEU A 471 -18.13 10.42 -0.62
N ILE A 472 -17.67 9.26 -1.10
CA ILE A 472 -16.33 9.20 -1.69
C ILE A 472 -16.23 10.09 -2.91
N LYS A 473 -17.26 10.06 -3.77
CA LYS A 473 -17.26 10.92 -4.95
C LYS A 473 -17.17 12.39 -4.54
N GLU A 474 -17.89 12.75 -3.48
CA GLU A 474 -17.89 14.13 -3.01
C GLU A 474 -16.48 14.53 -2.57
N ILE A 475 -15.83 13.69 -1.79
CA ILE A 475 -14.49 14.02 -1.33
C ILE A 475 -13.54 14.10 -2.50
N SER A 476 -13.66 13.15 -3.42
CA SER A 476 -12.77 13.14 -4.57
C SER A 476 -12.91 14.44 -5.41
N ASP A 477 -14.15 14.81 -5.70
CA ASP A 477 -14.46 16.01 -6.50
C ASP A 477 -13.96 17.26 -5.78
N GLN A 478 -14.21 17.40 -4.48
CA GLN A 478 -13.78 18.62 -3.81
C GLN A 478 -12.27 18.64 -3.59
N ALA A 479 -11.63 17.50 -3.36
CA ALA A 479 -10.20 17.55 -3.03
C ALA A 479 -9.41 18.04 -4.23
N GLN A 480 -9.90 17.74 -5.42
CA GLN A 480 -9.13 18.06 -6.62
C GLN A 480 -9.24 19.58 -6.89
N THR A 481 -10.03 20.31 -6.09
CA THR A 481 -10.08 21.78 -6.19
C THR A 481 -8.79 22.44 -5.79
N TYR A 482 -8.06 21.86 -4.84
CA TYR A 482 -7.02 22.62 -4.15
C TYR A 482 -5.77 22.63 -5.00
N ASN A 483 -4.88 23.59 -4.78
CA ASN A 483 -3.67 23.57 -5.59
C ASN A 483 -2.60 22.76 -4.87
N LYS A 484 -2.95 21.55 -4.42
CA LYS A 484 -2.04 20.76 -3.58
C LYS A 484 -2.09 19.32 -4.02
N GLU A 485 -1.00 18.60 -3.83
CA GLU A 485 -1.04 17.15 -4.05
C GLU A 485 -2.02 16.54 -3.07
N VAL A 486 -2.74 15.50 -3.49
CA VAL A 486 -3.68 14.83 -2.60
C VAL A 486 -3.29 13.35 -2.47
N ILE A 487 -3.01 12.94 -1.24
CA ILE A 487 -2.62 11.57 -0.95
C ILE A 487 -3.72 10.95 -0.11
N VAL A 488 -4.14 9.74 -0.47
CA VAL A 488 -5.20 9.06 0.25
C VAL A 488 -4.65 7.82 0.94
N THR A 489 -4.94 7.65 2.24
CA THR A 489 -4.70 6.38 2.92
C THR A 489 -6.05 5.80 3.28
N THR A 490 -6.11 4.51 3.59
CA THR A 490 -7.39 3.93 3.97
C THR A 490 -7.20 2.91 5.12
N GLY A 491 -8.30 2.56 5.75
CA GLY A 491 -8.39 1.35 6.56
C GLY A 491 -8.65 0.17 5.63
N VAL A 492 -9.25 -0.88 6.18
CA VAL A 492 -9.51 -2.08 5.41
C VAL A 492 -10.98 -2.44 5.53
N GLY A 493 -11.62 -2.66 4.39
CA GLY A 493 -13.01 -3.04 4.37
C GLY A 493 -13.76 -2.41 3.20
N GLN A 494 -15.08 -2.24 3.34
CA GLN A 494 -15.85 -1.71 2.19
C GLN A 494 -15.41 -0.29 1.83
N HIS A 495 -15.17 0.55 2.86
CA HIS A 495 -14.76 1.93 2.60
C HIS A 495 -13.48 1.98 1.74
N GLN A 496 -12.60 1.01 1.95
CA GLN A 496 -11.35 0.92 1.21
C GLN A 496 -11.63 0.66 -0.26
N MET A 497 -12.57 -0.25 -0.51
CA MET A 497 -12.92 -0.60 -1.89
C MET A 497 -13.65 0.57 -2.58
N TRP A 498 -14.53 1.26 -1.86
CA TRP A 498 -15.24 2.41 -2.45
C TRP A 498 -14.29 3.57 -2.69
N ALA A 499 -13.30 3.74 -1.81
CA ALA A 499 -12.23 4.71 -2.09
C ALA A 499 -11.49 4.37 -3.39
N ALA A 500 -11.09 3.12 -3.51
CA ALA A 500 -10.41 2.69 -4.73
C ALA A 500 -11.27 2.96 -5.97
N GLN A 501 -12.55 2.61 -5.90
CA GLN A 501 -13.42 2.71 -7.09
C GLN A 501 -13.73 4.15 -7.45
N HIS A 502 -14.05 4.95 -6.44
CA HIS A 502 -14.74 6.22 -6.70
C HIS A 502 -13.88 7.46 -6.65
N PHE A 503 -12.64 7.38 -6.17
CA PHE A 503 -11.69 8.45 -6.44
C PHE A 503 -11.25 8.35 -7.88
N THR A 504 -10.83 9.47 -8.46
CA THR A 504 -10.17 9.45 -9.75
C THR A 504 -8.68 9.58 -9.57
N TRP A 505 -7.95 8.53 -9.93
CA TRP A 505 -6.53 8.44 -9.60
C TRP A 505 -5.73 8.94 -10.78
N THR A 506 -4.80 9.84 -10.52
CA THR A 506 -4.07 10.50 -11.60
C THR A 506 -2.58 10.64 -11.35
N GLN A 507 -2.13 10.51 -10.11
CA GLN A 507 -0.71 10.73 -9.77
C GLN A 507 -0.12 9.55 -8.99
N PRO A 508 1.17 9.25 -9.22
CA PRO A 508 1.81 8.12 -8.52
C PRO A 508 1.98 8.37 -7.02
N ARG A 509 1.96 7.29 -6.25
CA ARG A 509 2.14 7.35 -4.81
C ARG A 509 1.10 8.24 -4.12
N THR A 510 -0.15 8.10 -4.55
CA THR A 510 -1.24 8.82 -3.91
C THR A 510 -2.27 7.88 -3.29
N MET A 511 -2.12 6.57 -3.51
CA MET A 511 -2.99 5.59 -2.86
C MET A 511 -2.10 4.78 -1.93
N ILE A 512 -2.34 4.89 -0.64
CA ILE A 512 -1.47 4.27 0.36
C ILE A 512 -2.37 3.42 1.23
N THR A 513 -2.40 2.12 0.95
CA THR A 513 -3.44 1.27 1.47
C THR A 513 -2.84 -0.12 1.71
N SER A 514 -3.32 -0.80 2.75
CA SER A 514 -2.82 -2.15 3.07
C SER A 514 -3.55 -3.15 2.19
N GLY A 515 -2.84 -3.74 1.21
CA GLY A 515 -3.50 -4.61 0.25
C GLY A 515 -3.24 -6.10 0.41
N GLY A 516 -1.99 -6.48 0.66
CA GLY A 516 -1.64 -7.90 0.69
C GLY A 516 -2.03 -8.54 2.02
N LEU A 517 -1.62 -7.90 3.12
CA LEU A 517 -2.00 -8.35 4.46
C LEU A 517 -3.40 -7.82 4.82
N GLY A 518 -3.71 -6.59 4.42
CA GLY A 518 -5.04 -6.04 4.70
C GLY A 518 -5.22 -5.72 6.19
N THR A 519 -4.35 -4.88 6.74
CA THR A 519 -4.36 -4.57 8.19
C THR A 519 -5.34 -3.45 8.56
N MET A 520 -6.48 -3.79 9.18
CA MET A 520 -7.32 -2.74 9.81
C MET A 520 -6.49 -1.91 10.78
N GLY A 521 -6.69 -0.60 10.80
CA GLY A 521 -5.93 0.27 11.70
C GLY A 521 -4.79 0.97 10.99
N TYR A 522 -4.50 0.56 9.76
CA TYR A 522 -3.40 1.11 8.99
C TYR A 522 -3.60 2.61 8.67
N GLY A 523 -4.86 2.98 8.42
CA GLY A 523 -5.18 4.25 7.78
C GLY A 523 -4.64 5.47 8.50
N LEU A 524 -4.88 5.55 9.80
CA LEU A 524 -4.48 6.75 10.53
C LEU A 524 -2.95 6.87 10.67
N PRO A 525 -2.25 5.84 11.21
CA PRO A 525 -0.79 6.02 11.28
C PRO A 525 -0.15 6.15 9.88
N ALA A 526 -0.65 5.44 8.88
CA ALA A 526 -0.06 5.60 7.54
C ALA A 526 -0.23 7.05 7.07
N ALA A 527 -1.38 7.65 7.35
CA ALA A 527 -1.57 9.07 6.98
C ALA A 527 -0.60 9.99 7.67
N ILE A 528 -0.35 9.77 8.97
CA ILE A 528 0.62 10.57 9.65
C ILE A 528 2.01 10.45 9.01
N GLY A 529 2.43 9.24 8.68
CA GLY A 529 3.72 9.07 8.03
C GLY A 529 3.78 9.74 6.65
N ALA A 530 2.71 9.58 5.89
CA ALA A 530 2.65 10.18 4.56
C ALA A 530 2.70 11.71 4.68
N GLN A 531 2.01 12.25 5.69
CA GLN A 531 1.96 13.69 5.89
C GLN A 531 3.33 14.24 6.29
N VAL A 532 4.09 13.45 7.06
CA VAL A 532 5.43 13.86 7.45
C VAL A 532 6.34 13.80 6.24
N ALA A 533 6.14 12.80 5.37
CA ALA A 533 6.92 12.70 4.15
C ALA A 533 6.64 13.87 3.20
N LYS A 534 5.39 14.31 3.15
CA LYS A 534 4.92 15.31 2.19
C LYS A 534 4.14 16.41 2.95
N PRO A 535 4.87 17.31 3.61
CA PRO A 535 4.24 18.29 4.52
C PRO A 535 3.32 19.27 3.82
N ASP A 536 3.49 19.46 2.52
CA ASP A 536 2.60 20.35 1.74
C ASP A 536 1.44 19.64 1.07
N ALA A 537 1.31 18.32 1.26
CA ALA A 537 0.21 17.60 0.63
C ALA A 537 -1.04 17.65 1.49
N ILE A 538 -2.20 17.51 0.85
CA ILE A 538 -3.42 17.16 1.57
C ILE A 538 -3.39 15.66 1.73
N VAL A 539 -3.48 15.18 2.98
CA VAL A 539 -3.46 13.73 3.22
C VAL A 539 -4.76 13.35 3.87
N ILE A 540 -5.51 12.47 3.21
CA ILE A 540 -6.84 12.08 3.63
C ILE A 540 -6.87 10.59 3.97
N ASP A 541 -7.25 10.26 5.20
CA ASP A 541 -7.46 8.87 5.59
C ASP A 541 -8.93 8.55 5.47
N ILE A 542 -9.31 7.79 4.43
CA ILE A 542 -10.65 7.28 4.31
C ILE A 542 -10.72 6.02 5.14
N ASP A 543 -11.46 6.07 6.24
CA ASP A 543 -11.35 5.01 7.26
C ASP A 543 -12.70 4.41 7.58
N GLY A 544 -12.72 3.13 7.96
CA GLY A 544 -13.94 2.54 8.44
C GLY A 544 -14.00 2.76 9.93
N ASP A 545 -15.20 2.66 10.52
CA ASP A 545 -15.31 2.87 11.96
C ASP A 545 -14.61 1.74 12.74
N ALA A 546 -14.75 0.48 12.31
CA ALA A 546 -14.04 -0.59 13.04
C ALA A 546 -12.50 -0.48 12.88
N SER A 547 -12.04 -0.18 11.67
CA SER A 547 -10.62 0.03 11.40
C SER A 547 -10.09 1.17 12.23
N PHE A 548 -10.83 2.28 12.25
CA PHE A 548 -10.37 3.44 12.99
C PHE A 548 -10.25 3.15 14.50
N ASN A 549 -11.19 2.39 15.04
CA ASN A 549 -11.12 1.99 16.45
C ASN A 549 -9.85 1.23 16.80
N MET A 550 -9.30 0.50 15.84
CA MET A 550 -8.10 -0.29 16.11
CA MET A 550 -8.10 -0.29 16.14
C MET A 550 -6.95 0.56 16.66
N THR A 551 -6.76 1.74 16.09
CA THR A 551 -5.55 2.51 16.36
C THR A 551 -5.81 3.99 16.65
N LEU A 552 -7.02 4.33 17.08
CA LEU A 552 -7.39 5.76 17.18
C LEU A 552 -6.56 6.53 18.21
N THR A 553 -5.80 5.83 19.05
CA THR A 553 -5.00 6.55 20.02
C THR A 553 -3.96 7.41 19.31
N GLU A 554 -3.62 7.04 18.06
CA GLU A 554 -2.58 7.80 17.36
C GLU A 554 -3.03 9.21 16.91
N LEU A 555 -4.30 9.57 17.11
CA LEU A 555 -4.69 10.96 16.87
C LEU A 555 -3.78 11.94 17.64
N SER A 556 -3.45 11.62 18.88
CA SER A 556 -2.54 12.44 19.68
CA SER A 556 -2.61 12.54 19.63
C SER A 556 -1.20 12.61 19.00
N SER A 557 -0.75 11.53 18.37
CA SER A 557 0.53 11.56 17.66
C SER A 557 0.52 12.53 16.49
N ALA A 558 -0.61 12.63 15.80
CA ALA A 558 -0.70 13.56 14.66
C ALA A 558 -0.52 14.97 15.18
N VAL A 559 -1.16 15.28 16.30
CA VAL A 559 -1.04 16.61 16.87
C VAL A 559 0.39 16.89 17.30
N GLN A 560 0.98 15.94 18.02
CA GLN A 560 2.33 16.16 18.55
C GLN A 560 3.36 16.27 17.43
N ALA A 561 3.11 15.59 16.31
CA ALA A 561 4.04 15.63 15.17
C ALA A 561 3.80 16.82 14.25
N GLY A 562 2.72 17.57 14.47
CA GLY A 562 2.41 18.70 13.59
C GLY A 562 1.99 18.25 12.20
N ALA A 563 1.25 17.15 12.14
CA ALA A 563 0.79 16.56 10.89
C ALA A 563 -0.70 16.80 10.67
N PRO A 564 -1.06 17.73 9.78
CA PRO A 564 -2.49 18.10 9.71
C PRO A 564 -3.31 17.17 8.83
N ILE A 565 -3.30 15.89 9.20
CA ILE A 565 -4.04 14.88 8.46
C ILE A 565 -5.54 15.11 8.55
N LYS A 566 -6.24 14.55 7.56
CA LYS A 566 -7.67 14.65 7.46
C LYS A 566 -8.27 13.25 7.50
N VAL A 567 -8.87 12.90 8.64
CA VAL A 567 -9.45 11.57 8.81
C VAL A 567 -10.94 11.61 8.53
N CYS A 568 -11.42 10.80 7.60
CA CYS A 568 -12.86 10.66 7.38
C CYS A 568 -13.31 9.26 7.80
N VAL A 569 -14.07 9.18 8.89
CA VAL A 569 -14.62 7.89 9.32
C VAL A 569 -15.99 7.66 8.71
N LEU A 570 -16.08 6.64 7.85
CA LEU A 570 -17.36 6.22 7.30
C LEU A 570 -18.01 5.39 8.35
N ASN A 571 -18.91 6.01 9.11
CA ASN A 571 -19.55 5.34 10.20
C ASN A 571 -20.83 4.59 9.82
N ASN A 572 -20.71 3.30 9.55
CA ASN A 572 -21.89 2.44 9.31
C ASN A 572 -22.19 1.53 10.52
N GLU A 573 -21.49 1.77 11.62
CA GLU A 573 -21.67 1.02 12.86
C GLU A 573 -21.60 -0.48 12.65
N GLU A 574 -20.74 -0.91 11.74
CA GLU A 574 -20.61 -2.34 11.44
C GLU A 574 -19.25 -2.58 10.81
N GLN A 575 -18.82 -3.84 10.89
CA GLN A 575 -17.70 -4.32 10.10
C GLN A 575 -18.29 -4.71 8.75
N GLY A 576 -18.43 -3.69 7.89
CA GLY A 576 -19.27 -3.82 6.69
C GLY A 576 -18.82 -4.91 5.74
N MET A 577 -17.51 -5.07 5.59
CA MET A 577 -16.99 -6.06 4.64
CA MET A 577 -17.05 -6.06 4.62
C MET A 577 -17.40 -7.45 5.13
N VAL A 578 -17.31 -7.65 6.44
CA VAL A 578 -17.66 -8.96 6.96
C VAL A 578 -19.17 -9.16 6.95
N THR A 579 -19.96 -8.14 7.28
CA THR A 579 -21.42 -8.32 7.21
C THR A 579 -21.86 -8.55 5.76
N GLN A 580 -21.14 -8.00 4.80
CA GLN A 580 -21.47 -8.27 3.40
C GLN A 580 -21.33 -9.77 3.13
N TRP A 581 -20.25 -10.39 3.60
CA TRP A 581 -20.09 -11.84 3.41
C TRP A 581 -21.10 -12.62 4.23
N GLN A 582 -21.41 -12.17 5.44
CA GLN A 582 -22.40 -12.91 6.22
C GLN A 582 -23.79 -12.83 5.58
N SER A 583 -24.12 -11.68 4.97
CA SER A 583 -25.39 -11.53 4.23
C SER A 583 -25.44 -12.49 3.05
N LEU A 584 -24.34 -12.54 2.32
CA LEU A 584 -24.28 -13.30 1.08
C LEU A 584 -24.20 -14.82 1.32
N PHE A 585 -23.36 -15.22 2.26
CA PHE A 585 -23.04 -16.63 2.39
C PHE A 585 -23.54 -17.27 3.65
N TYR A 586 -23.93 -16.49 4.66
CA TYR A 586 -24.34 -17.07 5.95
C TYR A 586 -25.74 -16.62 6.37
N GLU A 587 -26.59 -16.38 5.37
CA GLU A 587 -28.02 -16.11 5.59
C GLU A 587 -28.28 -15.06 6.66
N HIS A 588 -27.52 -13.97 6.58
CA HIS A 588 -27.72 -12.81 7.44
C HIS A 588 -27.56 -13.11 8.92
N ARG A 589 -26.68 -14.07 9.22
CA ARG A 589 -26.29 -14.35 10.59
CA ARG A 589 -26.28 -14.35 10.59
C ARG A 589 -25.05 -13.50 10.92
N TYR A 590 -25.27 -12.37 11.58
CA TYR A 590 -24.17 -11.44 11.83
C TYR A 590 -23.51 -11.81 13.13
N SER A 591 -22.52 -12.69 13.02
CA SER A 591 -21.83 -13.18 14.22
C SER A 591 -20.70 -12.22 14.61
N HIS A 592 -20.93 -11.45 15.67
CA HIS A 592 -19.93 -10.57 16.30
C HIS A 592 -19.28 -9.57 15.34
N THR A 593 -20.09 -8.94 14.51
CA THR A 593 -19.55 -8.02 13.52
C THR A 593 -20.10 -6.59 13.70
N HIS A 594 -20.62 -6.31 14.89
CA HIS A 594 -21.07 -4.96 15.23
C HIS A 594 -20.44 -4.51 16.53
N GLN A 595 -19.30 -3.80 16.42
CA GLN A 595 -18.59 -3.27 17.59
C GLN A 595 -19.20 -1.93 17.98
N SER A 596 -19.22 -1.61 19.28
CA SER A 596 -19.73 -0.29 19.70
C SER A 596 -18.71 0.80 19.37
N ASN A 597 -19.19 1.96 18.91
CA ASN A 597 -18.31 3.10 18.61
C ASN A 597 -18.29 4.16 19.69
N PRO A 598 -17.14 4.78 19.90
CA PRO A 598 -17.15 5.95 20.79
C PRO A 598 -17.87 7.12 20.10
N ASP A 599 -18.09 8.18 20.86
CA ASP A 599 -18.58 9.45 20.30
C ASP A 599 -17.39 10.08 19.61
N PHE A 600 -17.40 10.09 18.27
CA PHE A 600 -16.17 10.49 17.57
C PHE A 600 -15.90 11.97 17.72
N MET A 601 -16.95 12.77 17.95
CA MET A 601 -16.70 14.21 18.13
C MET A 601 -16.08 14.51 19.50
N LYS A 602 -16.56 13.86 20.55
CA LYS A 602 -15.92 14.04 21.85
C LYS A 602 -14.53 13.43 21.85
N LEU A 603 -14.35 12.33 21.11
CA LEU A 603 -13.02 11.74 20.98
C LEU A 603 -12.03 12.73 20.34
N ALA A 604 -12.46 13.36 19.24
CA ALA A 604 -11.61 14.34 18.58
C ALA A 604 -11.25 15.47 19.53
N GLU A 605 -12.25 15.97 20.23
CA GLU A 605 -12.04 17.02 21.20
C GLU A 605 -11.01 16.61 22.27
N SER A 606 -11.11 15.38 22.74
CA SER A 606 -10.19 14.91 23.80
C SER A 606 -8.76 14.83 23.27
N MET A 607 -8.64 14.61 21.96
CA MET A 607 -7.33 14.47 21.32
C MET A 607 -6.80 15.81 20.82
N ASN A 608 -7.57 16.87 21.04
CA ASN A 608 -7.20 18.20 20.58
C ASN A 608 -7.19 18.25 19.03
N VAL A 609 -8.13 17.55 18.43
CA VAL A 609 -8.26 17.67 16.98
C VAL A 609 -9.65 18.19 16.65
N LYS A 610 -9.73 18.95 15.56
CA LYS A 610 -11.00 19.49 15.11
C LYS A 610 -11.95 18.37 14.73
N GLY A 611 -13.22 18.49 15.10
CA GLY A 611 -14.19 17.46 14.74
C GLY A 611 -15.35 18.02 13.93
N ILE A 612 -15.76 17.28 12.91
CA ILE A 612 -16.90 17.63 12.07
C ILE A 612 -17.79 16.42 11.98
N ARG A 613 -19.11 16.58 12.11
CA ARG A 613 -19.98 15.42 11.95
C ARG A 613 -21.06 15.69 10.90
N ILE A 614 -21.10 14.84 9.89
CA ILE A 614 -22.14 14.93 8.85
C ILE A 614 -23.16 13.83 9.08
N THR A 615 -24.42 14.21 9.34
CA THR A 615 -25.43 13.22 9.66
C THR A 615 -26.49 13.06 8.58
N ASN A 616 -26.56 13.99 7.64
CA ASN A 616 -27.62 13.88 6.63
C ASN A 616 -27.17 14.45 5.29
N GLN A 617 -27.96 14.17 4.25
CA GLN A 617 -27.59 14.48 2.88
C GLN A 617 -27.33 15.96 2.72
N GLN A 618 -28.08 16.77 3.46
CA GLN A 618 -28.01 18.23 3.27
C GLN A 618 -26.77 18.85 3.90
N GLU A 619 -26.00 18.05 4.64
CA GLU A 619 -24.77 18.53 5.27
C GLU A 619 -23.52 18.05 4.50
N LEU A 620 -23.72 17.21 3.48
CA LEU A 620 -22.59 16.55 2.81
C LEU A 620 -21.62 17.54 2.17
N LYS A 621 -22.10 18.41 1.26
CA LYS A 621 -21.14 19.28 0.56
C LYS A 621 -20.45 20.24 1.50
N SER A 622 -21.22 20.89 2.36
CA SER A 622 -20.63 21.90 3.24
C SER A 622 -19.71 21.26 4.29
N GLY A 623 -20.05 20.06 4.76
CA GLY A 623 -19.21 19.41 5.79
C GLY A 623 -17.90 18.96 5.16
N VAL A 624 -17.98 18.42 3.94
CA VAL A 624 -16.75 18.03 3.25
C VAL A 624 -15.89 19.24 2.93
N LYS A 625 -16.50 20.37 2.58
CA LYS A 625 -15.70 21.57 2.34
CA LYS A 625 -15.70 21.56 2.33
C LYS A 625 -14.99 22.02 3.61
N GLU A 626 -15.69 21.97 4.75
CA GLU A 626 -15.10 22.40 6.00
C GLU A 626 -13.90 21.52 6.36
N PHE A 627 -14.06 20.23 6.06
CA PHE A 627 -13.06 19.18 6.30
C PHE A 627 -11.81 19.48 5.48
N LEU A 628 -11.99 19.73 4.19
CA LEU A 628 -10.85 19.97 3.33
C LEU A 628 -10.21 21.35 3.53
N ASP A 629 -11.01 22.34 3.91
CA ASP A 629 -10.49 23.69 4.18
C ASP A 629 -9.67 23.77 5.46
N ALA A 630 -9.86 22.82 6.39
CA ALA A 630 -9.18 22.90 7.68
C ALA A 630 -7.67 22.92 7.51
N THR A 631 -6.99 23.65 8.38
CA THR A 631 -5.53 23.75 8.29
C THR A 631 -4.89 23.14 9.54
N GLU A 632 -5.59 22.20 10.14
CA GLU A 632 -5.13 21.53 11.35
C GLU A 632 -5.61 20.08 11.24
N PRO A 633 -5.08 19.16 12.07
CA PRO A 633 -5.63 17.81 12.06
C PRO A 633 -7.15 17.85 12.24
N VAL A 634 -7.88 17.04 11.50
CA VAL A 634 -9.33 17.10 11.60
C VAL A 634 -9.93 15.71 11.43
N LEU A 635 -10.95 15.40 12.22
CA LEU A 635 -11.70 14.15 12.12
C LEU A 635 -13.10 14.48 11.65
N LEU A 636 -13.47 13.94 10.49
CA LEU A 636 -14.81 14.03 9.94
C LEU A 636 -15.48 12.69 10.12
N GLU A 637 -16.61 12.67 10.84
CA GLU A 637 -17.44 11.49 10.93
C GLU A 637 -18.63 11.63 10.01
N VAL A 638 -18.89 10.64 9.16
CA VAL A 638 -20.06 10.70 8.30
C VAL A 638 -20.93 9.49 8.59
N ILE A 639 -22.17 9.74 8.96
CA ILE A 639 -23.13 8.67 9.13
C ILE A 639 -23.56 8.17 7.75
N VAL A 640 -23.30 6.89 7.43
CA VAL A 640 -23.62 6.41 6.09
C VAL A 640 -24.54 5.19 6.16
N GLU A 641 -25.18 4.91 5.03
CA GLU A 641 -26.10 3.78 4.91
C GLU A 641 -25.42 2.48 5.32
N LYS A 642 -26.16 1.67 6.08
CA LYS A 642 -25.68 0.36 6.55
C LYS A 642 -26.10 -0.78 5.62
N LYS A 643 -25.37 -1.89 5.70
CA LYS A 643 -25.73 -3.11 4.95
C LYS A 643 -25.88 -2.84 3.46
N VAL A 644 -24.84 -2.22 2.90
CA VAL A 644 -24.76 -1.93 1.47
C VAL A 644 -23.57 -2.70 0.93
N PRO A 645 -23.79 -3.57 -0.06
CA PRO A 645 -22.62 -4.33 -0.57
C PRO A 645 -21.74 -3.54 -1.54
N VAL A 646 -20.45 -3.86 -1.54
CA VAL A 646 -19.55 -3.40 -2.58
C VAL A 646 -19.78 -4.25 -3.82
N LEU A 647 -20.08 -3.58 -4.92
CA LEU A 647 -20.24 -4.22 -6.24
C LEU A 647 -19.49 -3.37 -7.24
N PRO A 648 -19.06 -3.98 -8.38
CA PRO A 648 -19.21 -5.40 -8.70
C PRO A 648 -18.36 -6.29 -7.79
N MET A 649 -18.63 -7.59 -7.86
CA MET A 649 -17.93 -8.57 -7.04
C MET A 649 -17.74 -9.85 -7.82
N VAL A 650 -16.50 -10.32 -7.88
CA VAL A 650 -16.20 -11.66 -8.40
C VAL A 650 -16.11 -12.58 -7.18
N PRO A 651 -17.13 -13.40 -6.94
CA PRO A 651 -17.12 -14.29 -5.78
C PRO A 651 -16.01 -15.35 -5.84
N ALA A 652 -15.56 -15.83 -4.68
CA ALA A 652 -14.59 -16.93 -4.61
C ALA A 652 -14.97 -18.09 -5.51
N GLY A 653 -14.01 -18.59 -6.27
CA GLY A 653 -14.30 -19.71 -7.16
C GLY A 653 -14.70 -19.34 -8.57
N LYS A 654 -15.11 -18.09 -8.78
CA LYS A 654 -15.58 -17.66 -10.09
C LYS A 654 -14.48 -17.07 -10.97
N ALA A 655 -14.65 -17.22 -12.29
CA ALA A 655 -13.77 -16.59 -13.26
C ALA A 655 -13.89 -15.09 -13.11
N LEU A 656 -12.84 -14.38 -13.50
CA LEU A 656 -12.82 -12.92 -13.40
C LEU A 656 -13.97 -12.25 -14.12
N ASP A 657 -14.48 -12.86 -15.19
CA ASP A 657 -15.59 -12.24 -15.91
C ASP A 657 -16.94 -12.84 -15.53
N ASP A 658 -16.98 -13.50 -14.39
CA ASP A 658 -18.21 -14.06 -13.86
C ASP A 658 -18.59 -13.29 -12.57
N PHE A 659 -18.96 -12.03 -12.76
CA PHE A 659 -19.14 -11.09 -11.65
C PHE A 659 -20.62 -10.84 -11.32
N ILE A 660 -20.85 -10.40 -10.08
CA ILE A 660 -22.13 -9.88 -9.65
C ILE A 660 -22.13 -8.39 -9.92
N LEU A 661 -23.16 -7.89 -10.58
CA LEU A 661 -23.32 -6.46 -10.85
C LEU A 661 -24.42 -5.85 -10.00
N TRP A 662 -24.35 -4.54 -9.77
CA TRP A 662 -25.41 -3.87 -9.03
C TRP A 662 -26.72 -3.91 -9.83
N ASP A 663 -27.83 -4.14 -9.12
CA ASP A 663 -29.16 -4.13 -9.72
C ASP A 663 -30.14 -3.61 -8.68
N ALA A 664 -30.90 -2.57 -9.03
CA ALA A 664 -31.76 -1.90 -8.03
C ALA A 664 -32.79 -2.84 -7.45
N GLU A 665 -33.37 -3.68 -8.30
CA GLU A 665 -34.42 -4.59 -7.84
C GLU A 665 -33.86 -5.67 -6.92
N VAL A 666 -32.71 -6.21 -7.28
CA VAL A 666 -32.05 -7.21 -6.43
C VAL A 666 -31.73 -6.60 -5.08
N GLU A 667 -31.28 -5.35 -5.07
CA GLU A 667 -30.95 -4.73 -3.79
C GLU A 667 -32.21 -4.62 -2.93
N LYS A 668 -33.33 -4.25 -3.53
CA LYS A 668 -34.58 -4.14 -2.77
C LYS A 668 -35.00 -5.48 -2.16
N GLN A 669 -34.90 -6.55 -2.95
CA GLN A 669 -35.24 -7.89 -2.49
C GLN A 669 -34.32 -8.32 -1.36
N GLN A 670 -33.05 -8.00 -1.51
CA GLN A 670 -32.06 -8.37 -0.51
C GLN A 670 -32.36 -7.63 0.79
N ASN A 671 -32.74 -6.35 0.70
CA ASN A 671 -33.12 -5.61 1.90
C ASN A 671 -34.32 -6.26 2.61
N ASP A 672 -35.31 -6.66 1.81
CA ASP A 672 -36.53 -7.27 2.37
C ASP A 672 -36.19 -8.58 3.05
N LEU A 673 -35.39 -9.39 2.36
CA LEU A 673 -34.93 -10.66 2.92
C LEU A 673 -34.17 -10.45 4.23
N ARG A 674 -33.26 -9.48 4.25
CA ARG A 674 -32.49 -9.23 5.47
C ARG A 674 -33.39 -8.83 6.62
N LYS A 675 -34.35 -7.97 6.32
CA LYS A 675 -35.31 -7.48 7.31
C LYS A 675 -36.11 -8.64 7.91
N GLU A 676 -36.62 -9.48 7.02
CA GLU A 676 -37.38 -10.66 7.44
C GLU A 676 -36.54 -11.59 8.32
N ARG A 677 -35.38 -11.99 7.81
CA ARG A 677 -34.49 -12.90 8.54
C ARG A 677 -34.08 -12.40 9.91
N THR A 678 -33.93 -11.09 10.07
CA THR A 678 -33.40 -10.56 11.32
C THR A 678 -34.51 -9.95 12.17
N GLY A 679 -35.75 -10.21 11.76
CA GLY A 679 -36.90 -9.70 12.49
C GLY A 679 -36.86 -8.19 12.60
N GLY A 680 -36.41 -7.53 11.53
CA GLY A 680 -36.40 -6.09 11.46
C GLY A 680 -35.21 -5.42 12.13
N LYS A 681 -34.29 -6.22 12.67
CA LYS A 681 -33.14 -5.66 13.37
C LYS A 681 -32.11 -5.00 12.43
N TYR A 682 -31.99 -5.51 11.20
CA TYR A 682 -30.96 -5.00 10.25
C TYR A 682 -31.50 -4.70 8.85
#